data_4I2T
#
_entry.id   4I2T
#
_cell.length_a   33.798
_cell.length_b   47.186
_cell.length_c   38.573
_cell.angle_alpha   90.00
_cell.angle_beta   95.41
_cell.angle_gamma   90.00
#
_symmetry.space_group_name_H-M   'P 1 21 1'
#
loop_
_entity.id
_entity.type
_entity.pdbx_description
1 polymer glutaredoxin
2 water water
#
_entity_poly.entity_id   1
_entity_poly.type   'polypeptide(L)'
_entity_poly.pdbx_seq_one_letter_code
;MSAAKQLVDSTISGNKVVIFSKTYCPYCVKGKRALEKFLPKSKITAIELDGRNDGAAIQDYLLELTGGRSVPRVFIDGQF
IGGGDDTDALARNGKLEVMLRNAGVLLEHHHHHH
;
_entity_poly.pdbx_strand_id   A
#
# COMPACT_ATOMS: atom_id res chain seq x y z
N SER A 2 11.13 6.40 -15.90
CA SER A 2 10.55 7.70 -15.54
C SER A 2 10.78 7.98 -14.06
N ALA A 3 10.64 9.24 -13.66
CA ALA A 3 10.76 9.62 -12.27
C ALA A 3 9.71 8.89 -11.43
N ALA A 4 8.50 8.76 -11.97
CA ALA A 4 7.41 8.12 -11.25
C ALA A 4 7.67 6.62 -11.06
N LYS A 5 8.14 5.97 -12.10
CA LYS A 5 8.47 4.54 -12.02
C LYS A 5 9.53 4.30 -10.96
N GLN A 6 10.57 5.12 -10.97
CA GLN A 6 11.68 4.98 -10.03
C GLN A 6 11.23 5.24 -8.59
N LEU A 7 10.39 6.25 -8.41
CA LEU A 7 9.86 6.58 -7.08
C LEU A 7 9.04 5.41 -6.55
N VAL A 8 8.10 4.92 -7.35
CA VAL A 8 7.23 3.83 -6.93
C VAL A 8 8.04 2.56 -6.68
N ASP A 9 8.87 2.17 -7.64
CA ASP A 9 9.66 0.95 -7.53
C ASP A 9 10.57 0.97 -6.31
N SER A 10 11.25 2.10 -6.08
CA SER A 10 12.19 2.19 -4.96
C SER A 10 11.46 2.24 -3.62
N THR A 11 10.28 2.84 -3.59
CA THR A 11 9.51 2.91 -2.36
C THR A 11 9.07 1.50 -1.96
N ILE A 12 8.60 0.71 -2.92
CA ILE A 12 8.08 -0.61 -2.59
C ILE A 12 9.21 -1.61 -2.33
N SER A 13 10.37 -1.40 -2.94
CA SER A 13 11.51 -2.29 -2.70
CA SER A 13 11.53 -2.26 -2.72
C SER A 13 12.22 -1.94 -1.40
N GLY A 14 12.16 -0.67 -1.00
CA GLY A 14 12.88 -0.19 0.16
C GLY A 14 12.09 -0.25 1.45
N ASN A 15 10.81 -0.56 1.36
CA ASN A 15 9.93 -0.58 2.53
C ASN A 15 9.01 -1.78 2.48
N LYS A 16 8.84 -2.45 3.61
CA LYS A 16 8.14 -3.73 3.60
C LYS A 16 6.63 -3.61 3.47
N VAL A 17 6.06 -2.50 3.95
CA VAL A 17 4.62 -2.29 3.87
C VAL A 17 4.36 -0.89 3.33
N VAL A 18 3.77 -0.82 2.14
CA VAL A 18 3.55 0.46 1.47
C VAL A 18 2.10 0.61 1.04
N ILE A 19 1.56 1.80 1.25
CA ILE A 19 0.23 2.12 0.74
C ILE A 19 0.27 3.48 0.05
N PHE A 20 -0.16 3.49 -1.21
CA PHE A 20 -0.35 4.74 -1.94
C PHE A 20 -1.78 5.18 -1.70
N SER A 21 -1.95 6.46 -1.40
CA SER A 21 -3.20 6.95 -0.81
C SER A 21 -3.47 8.38 -1.22
N LYS A 22 -4.69 8.83 -0.99
CA LYS A 22 -5.00 10.26 -1.01
C LYS A 22 -6.07 10.53 0.04
N THR A 23 -6.31 11.80 0.32
CA THR A 23 -7.22 12.20 1.38
C THR A 23 -8.67 11.81 1.07
N TYR A 24 -9.12 12.13 -0.14
CA TYR A 24 -10.50 11.84 -0.54
C TYR A 24 -10.59 10.40 -1.04
N CYS A 25 -10.75 9.47 -0.11
CA CYS A 25 -10.61 8.06 -0.42
C CYS A 25 -11.02 7.20 0.76
N PRO A 26 -12.32 6.85 0.85
CA PRO A 26 -12.79 6.00 1.94
C PRO A 26 -12.03 4.68 2.07
N TYR A 27 -11.66 4.07 0.95
CA TYR A 27 -10.93 2.81 0.99
C TYR A 27 -9.48 3.00 1.45
N CYS A 28 -8.92 4.17 1.21
CA CYS A 28 -7.60 4.50 1.73
C CYS A 28 -7.65 4.55 3.25
N VAL A 29 -8.69 5.19 3.78
CA VAL A 29 -8.86 5.29 5.22
C VAL A 29 -8.98 3.89 5.82
N LYS A 30 -9.81 3.06 5.21
CA LYS A 30 -9.99 1.68 5.67
C LYS A 30 -8.69 0.89 5.59
N GLY A 31 -7.93 1.10 4.52
CA GLY A 31 -6.69 0.40 4.31
C GLY A 31 -5.66 0.72 5.37
N LYS A 32 -5.47 2.00 5.65
CA LYS A 32 -4.52 2.43 6.67
C LYS A 32 -4.96 1.93 8.04
N ARG A 33 -6.25 2.00 8.33
CA ARG A 33 -6.78 1.52 9.60
C ARG A 33 -6.52 0.03 9.77
N ALA A 34 -6.71 -0.74 8.70
CA ALA A 34 -6.51 -2.18 8.76
C ALA A 34 -5.05 -2.52 9.05
N LEU A 35 -4.12 -1.83 8.38
CA LEU A 35 -2.70 -2.04 8.62
C LEU A 35 -2.31 -1.63 10.05
N GLU A 36 -2.85 -0.50 10.51
CA GLU A 36 -2.51 0.01 11.83
C GLU A 36 -3.07 -0.86 12.95
N LYS A 37 -4.03 -1.72 12.62
CA LYS A 37 -4.57 -2.66 13.58
C LYS A 37 -3.46 -3.61 14.06
N PHE A 38 -2.49 -3.85 13.19
CA PHE A 38 -1.46 -4.86 13.46
C PHE A 38 -0.04 -4.30 13.54
N LEU A 39 0.19 -3.16 12.92
CA LEU A 39 1.55 -2.63 12.79
C LEU A 39 1.70 -1.25 13.42
N PRO A 40 2.86 -0.99 14.05
CA PRO A 40 3.19 0.38 14.44
C PRO A 40 3.30 1.26 13.20
N LYS A 41 3.00 2.54 13.34
CA LYS A 41 3.06 3.45 12.20
C LYS A 41 4.47 3.52 11.62
N SER A 42 5.48 3.25 12.44
CA SER A 42 6.86 3.27 11.99
C SER A 42 7.13 2.18 10.94
N LYS A 43 6.25 1.20 10.85
CA LYS A 43 6.44 0.10 9.90
C LYS A 43 5.52 0.23 8.69
N ILE A 44 4.73 1.30 8.63
CA ILE A 44 3.86 1.55 7.48
C ILE A 44 4.36 2.76 6.69
N THR A 45 4.62 2.56 5.41
CA THR A 45 5.03 3.65 4.54
C THR A 45 3.85 4.11 3.70
N ALA A 46 3.26 5.24 4.07
CA ALA A 46 2.13 5.80 3.35
C ALA A 46 2.58 6.94 2.47
N ILE A 47 2.27 6.84 1.19
CA ILE A 47 2.57 7.89 0.23
C ILE A 47 1.26 8.55 -0.18
N GLU A 48 1.03 9.77 0.28
CA GLU A 48 -0.19 10.50 -0.05
C GLU A 48 0.05 11.35 -1.30
N LEU A 49 -0.91 11.33 -2.22
CA LEU A 49 -0.75 12.02 -3.48
C LEU A 49 -1.15 13.49 -3.41
N ASP A 50 -1.89 13.86 -2.36
CA ASP A 50 -2.35 15.24 -2.23
C ASP A 50 -1.17 16.19 -2.13
N GLY A 51 -1.24 17.29 -2.89
CA GLY A 51 -0.21 18.31 -2.84
C GLY A 51 0.99 18.02 -3.72
N ARG A 52 1.03 16.82 -4.32
CA ARG A 52 2.10 16.49 -5.25
C ARG A 52 1.73 17.03 -6.62
N ASN A 53 2.73 17.20 -7.49
CA ASN A 53 2.50 17.59 -8.88
C ASN A 53 2.77 16.42 -9.84
N ASP A 54 3.06 15.25 -9.28
CA ASP A 54 3.33 14.07 -10.08
C ASP A 54 2.33 12.95 -9.77
N GLY A 55 1.19 13.32 -9.20
CA GLY A 55 0.16 12.36 -8.83
C GLY A 55 -0.33 11.52 -10.00
N ALA A 56 -0.64 12.18 -11.11
CA ALA A 56 -1.16 11.48 -12.28
C ALA A 56 -0.12 10.50 -12.84
N ALA A 57 1.14 10.93 -12.84
CA ALA A 57 2.23 10.09 -13.33
C ALA A 57 2.38 8.85 -12.45
N ILE A 58 2.28 9.05 -11.15
CA ILE A 58 2.38 7.93 -10.21
C ILE A 58 1.22 6.96 -10.40
N GLN A 59 0.00 7.48 -10.52
CA GLN A 59 -1.15 6.62 -10.72
C GLN A 59 -1.07 5.90 -12.06
N ASP A 60 -0.57 6.58 -13.08
CA ASP A 60 -0.34 5.95 -14.38
C ASP A 60 0.60 4.77 -14.22
N TYR A 61 1.67 4.93 -13.45
CA TYR A 61 2.60 3.83 -13.28
C TYR A 61 1.98 2.72 -12.44
N LEU A 62 1.17 3.10 -11.45
CA LEU A 62 0.47 2.08 -10.68
C LEU A 62 -0.44 1.26 -11.58
N LEU A 63 -1.02 1.88 -12.61
CA LEU A 63 -1.82 1.14 -13.59
C LEU A 63 -0.95 0.11 -14.31
N GLU A 64 0.24 0.51 -14.73
CA GLU A 64 1.14 -0.40 -15.43
CA GLU A 64 1.14 -0.40 -15.43
C GLU A 64 1.59 -1.55 -14.52
N LEU A 65 1.89 -1.21 -13.27
CA LEU A 65 2.41 -2.20 -12.33
C LEU A 65 1.34 -3.16 -11.80
N THR A 66 0.15 -2.64 -11.50
CA THR A 66 -0.84 -3.41 -10.74
C THR A 66 -2.15 -3.66 -11.47
N GLY A 67 -2.38 -2.98 -12.60
CA GLY A 67 -3.60 -3.17 -13.36
C GLY A 67 -4.72 -2.19 -13.07
N GLY A 68 -4.48 -1.25 -12.16
CA GLY A 68 -5.44 -0.20 -11.89
C GLY A 68 -4.77 1.08 -11.42
N ARG A 69 -5.41 2.23 -11.69
CA ARG A 69 -4.88 3.54 -11.34
C ARG A 69 -5.30 4.01 -9.95
N SER A 70 -6.44 3.52 -9.47
CA SER A 70 -7.05 4.11 -8.29
C SER A 70 -6.23 3.85 -7.03
N VAL A 71 -6.28 4.79 -6.10
CA VAL A 71 -5.76 4.53 -4.76
C VAL A 71 -6.92 3.99 -3.93
N PRO A 72 -6.60 3.17 -2.91
CA PRO A 72 -5.24 2.81 -2.51
C PRO A 72 -4.65 1.67 -3.32
N ARG A 73 -3.33 1.60 -3.32
CA ARG A 73 -2.61 0.43 -3.80
C ARG A 73 -1.67 0.00 -2.70
N VAL A 74 -1.79 -1.25 -2.26
CA VAL A 74 -1.05 -1.73 -1.11
C VAL A 74 -0.05 -2.80 -1.52
N PHE A 75 1.15 -2.70 -0.95
CA PHE A 75 2.24 -3.62 -1.25
C PHE A 75 2.85 -4.18 0.04
N ILE A 76 3.16 -5.47 0.02
CA ILE A 76 3.90 -6.11 1.10
C ILE A 76 5.12 -6.82 0.52
N ASP A 77 6.29 -6.54 1.07
CA ASP A 77 7.54 -7.09 0.57
C ASP A 77 7.71 -6.87 -0.94
N GLY A 78 7.34 -5.69 -1.41
CA GLY A 78 7.54 -5.32 -2.80
C GLY A 78 6.51 -5.88 -3.77
N GLN A 79 5.49 -6.55 -3.22
CA GLN A 79 4.49 -7.21 -4.05
C GLN A 79 3.10 -6.63 -3.83
N PHE A 80 2.39 -6.40 -4.93
CA PHE A 80 1.03 -5.84 -4.87
C PHE A 80 0.07 -6.85 -4.26
N ILE A 81 -0.66 -6.44 -3.22
CA ILE A 81 -1.64 -7.32 -2.59
C ILE A 81 -3.08 -6.89 -2.85
N GLY A 82 -3.28 -5.66 -3.30
CA GLY A 82 -4.61 -5.24 -3.71
C GLY A 82 -4.91 -3.76 -3.59
N GLY A 83 -6.05 -3.39 -4.17
CA GLY A 83 -6.59 -2.05 -4.04
C GLY A 83 -7.85 -2.11 -3.21
N GLY A 84 -8.24 -0.97 -2.65
CA GLY A 84 -9.41 -0.91 -1.79
C GLY A 84 -10.59 -1.60 -2.45
N ASP A 85 -11.42 -2.29 -1.67
CA ASP A 85 -11.30 -2.37 -0.22
C ASP A 85 -10.72 -3.71 0.20
N ASP A 86 -9.86 -4.28 -0.65
CA ASP A 86 -9.31 -5.62 -0.43
C ASP A 86 -8.57 -5.74 0.90
N THR A 87 -7.88 -4.69 1.29
CA THR A 87 -7.05 -4.72 2.50
C THR A 87 -7.94 -4.92 3.72
N ASP A 88 -9.09 -4.25 3.74
CA ASP A 88 -10.04 -4.41 4.83
C ASP A 88 -10.57 -5.85 4.88
N ALA A 89 -10.92 -6.42 3.73
CA ALA A 89 -11.38 -7.79 3.66
C ALA A 89 -10.32 -8.75 4.19
N LEU A 90 -9.08 -8.54 3.78
CA LEU A 90 -7.98 -9.40 4.22
C LEU A 90 -7.78 -9.26 5.71
N ALA A 91 -7.94 -8.04 6.22
CA ALA A 91 -7.87 -7.82 7.65
C ALA A 91 -8.93 -8.66 8.34
N ARG A 92 -10.16 -8.58 7.85
CA ARG A 92 -11.30 -9.21 8.51
C ARG A 92 -11.37 -10.72 8.38
N ASN A 93 -10.72 -11.30 7.36
CA ASN A 93 -10.74 -12.75 7.21
C ASN A 93 -9.47 -13.43 7.70
N GLY A 94 -8.56 -12.64 8.27
CA GLY A 94 -7.37 -13.18 8.89
C GLY A 94 -6.18 -13.28 7.96
N LYS A 95 -6.40 -13.08 6.66
CA LYS A 95 -5.34 -13.30 5.67
C LYS A 95 -4.28 -12.20 5.69
N LEU A 96 -4.67 -10.98 6.03
CA LEU A 96 -3.71 -9.88 6.10
C LEU A 96 -2.64 -10.19 7.16
N GLU A 97 -3.07 -10.65 8.33
CA GLU A 97 -2.14 -11.00 9.39
C GLU A 97 -1.18 -12.10 8.96
N VAL A 98 -1.70 -13.10 8.24
CA VAL A 98 -0.85 -14.15 7.71
C VAL A 98 0.23 -13.54 6.82
N MET A 99 -0.18 -12.66 5.92
CA MET A 99 0.76 -12.02 5.00
C MET A 99 1.80 -11.22 5.77
N LEU A 100 1.37 -10.49 6.80
CA LEU A 100 2.28 -9.66 7.58
C LEU A 100 3.24 -10.51 8.40
N ARG A 101 2.77 -11.62 8.94
CA ARG A 101 3.65 -12.54 9.65
C ARG A 101 4.68 -13.16 8.71
N ASN A 102 4.24 -13.59 7.54
CA ASN A 102 5.16 -14.18 6.58
C ASN A 102 6.24 -13.20 6.15
N ALA A 103 5.87 -11.92 6.08
CA ALA A 103 6.81 -10.86 5.70
C ALA A 103 7.72 -10.44 6.86
N GLY A 104 7.44 -10.95 8.05
CA GLY A 104 8.28 -10.69 9.20
C GLY A 104 8.06 -9.36 9.90
N VAL A 105 6.90 -8.76 9.70
CA VAL A 105 6.60 -7.48 10.34
C VAL A 105 5.52 -7.61 11.40
N LEU A 106 5.06 -8.84 11.63
CA LEU A 106 4.06 -9.11 12.65
C LEU A 106 4.47 -10.38 13.35
N LEU A 107 4.62 -10.32 14.66
CA LEU A 107 4.98 -11.49 15.43
C LEU A 107 3.74 -12.28 15.81
N GLU A 108 3.93 -13.56 16.12
CA GLU A 108 2.86 -14.38 16.67
C GLU A 108 2.51 -13.87 18.06
N HIS A 109 1.21 -13.75 18.34
CA HIS A 109 0.75 -13.29 19.64
C HIS A 109 -0.29 -14.26 20.21
#